data_6NRH
#
_entry.id   6NRH
#
_cell.length_a   93.503
_cell.length_b   93.503
_cell.length_c   137.948
_cell.angle_alpha   90.000
_cell.angle_beta   90.000
_cell.angle_gamma   90.000
#
_symmetry.space_group_name_H-M   'I 41 2 2'
#
loop_
_entity.id
_entity.type
_entity.pdbx_description
1 polymer 'Poly [ADP-ribose] polymerase 1'
2 non-polymer 3-hydroxy-2-({4-[4-(pyrimidin-2-yl)piperazine-1-carbonyl]phenyl}methyl)-1-benzofuran-7-carboxamide
3 non-polymer 'SULFATE ION'
4 non-polymer 'DIMETHYL SULFOXIDE'
5 water water
#
_entity_poly.entity_id   1
_entity_poly.type   'polypeptide(L)'
_entity_poly.pdbx_seq_one_letter_code
;MGSSHHHHHHSSGLVPRGSHMTKSKLPKPVQDLIKMIFGSGSGSGGDPIDVNYEKLKTDIKVVDRDSEEAEIIRKYVKNT
HATTHNAYDLEVIDIFKIEREGECQRYKPFKQLHNRRLLWHGSRTTNFAGILSQGLRIAPPEAPVTGYMFGKGIYFADMV
SKSANYCHTSQGDPIGLILLGEVALGNMYELKHASHISKLPKGKHSVKGLGKTTPDPSANISLDGVDVPLGTGISSGVND
TSLLYNEYIVYDIAQVNLKYLLKLKFNFKTS
;
_entity_poly.pdbx_strand_id   A
#
# COMPACT_ATOMS: atom_id res chain seq x y z
N LYS A 23 -9.67 -29.36 10.72
CA LYS A 23 -8.61 -28.94 9.76
C LYS A 23 -9.19 -27.96 8.72
N SER A 24 -8.32 -27.06 8.26
CA SER A 24 -8.68 -26.00 7.36
C SER A 24 -8.93 -26.51 5.93
N LYS A 25 -9.88 -25.88 5.21
CA LYS A 25 -10.11 -26.12 3.79
C LYS A 25 -9.54 -24.99 2.95
N LEU A 26 -8.75 -24.11 3.56
CA LEU A 26 -8.08 -23.07 2.83
C LEU A 26 -6.78 -23.56 2.21
N PRO A 27 -6.35 -22.96 1.08
CA PRO A 27 -5.04 -23.30 0.52
C PRO A 27 -3.93 -22.96 1.52
N LYS A 28 -2.87 -23.76 1.52
CA LYS A 28 -1.78 -23.66 2.49
CA LYS A 28 -1.83 -23.65 2.53
C LYS A 28 -1.27 -22.23 2.59
N PRO A 29 -1.01 -21.48 1.50
CA PRO A 29 -0.44 -20.14 1.68
C PRO A 29 -1.40 -19.23 2.46
N VAL A 30 -2.71 -19.43 2.27
CA VAL A 30 -3.69 -18.64 3.02
C VAL A 30 -3.68 -19.06 4.50
N GLN A 31 -3.63 -20.38 4.77
CA GLN A 31 -3.51 -20.83 6.15
C GLN A 31 -2.29 -20.18 6.83
N ASP A 32 -1.15 -20.17 6.14
CA ASP A 32 0.07 -19.60 6.69
C ASP A 32 -0.09 -18.10 6.95
N LEU A 33 -0.81 -17.42 6.06
CA LEU A 33 -1.08 -15.98 6.23
C LEU A 33 -1.93 -15.74 7.48
N ILE A 34 -2.96 -16.57 7.67
CA ILE A 34 -3.83 -16.41 8.83
C ILE A 34 -3.03 -16.63 10.11
N LYS A 35 -2.17 -17.66 10.13
CA LYS A 35 -1.36 -17.94 11.29
C LYS A 35 -0.46 -16.74 11.63
N MET A 36 0.06 -16.08 10.59
CA MET A 36 0.94 -14.91 10.74
CA MET A 36 0.94 -14.91 10.76
C MET A 36 0.15 -13.72 11.34
N ILE A 37 -1.04 -13.47 10.79
CA ILE A 37 -1.87 -12.33 11.19
C ILE A 37 -2.36 -12.51 12.63
N PHE A 38 -2.74 -13.74 12.99
CA PHE A 38 -3.36 -13.97 14.33
C PHE A 38 -2.35 -14.43 15.39
N GLY A 39 -1.11 -14.71 14.96
CA GLY A 39 0.00 -14.92 15.89
C GLY A 39 -0.10 -16.26 16.59
N ASP A 47 -8.49 -19.90 18.23
CA ASP A 47 -9.57 -20.32 17.33
C ASP A 47 -8.98 -21.06 16.14
N PRO A 48 -9.77 -21.92 15.46
CA PRO A 48 -9.30 -22.60 14.25
C PRO A 48 -9.01 -21.59 13.15
N ILE A 49 -8.12 -21.99 12.24
CA ILE A 49 -7.72 -21.16 11.13
C ILE A 49 -8.95 -20.61 10.39
N ASP A 50 -9.93 -21.48 10.06
CA ASP A 50 -11.00 -21.04 9.16
C ASP A 50 -11.92 -20.05 9.91
N VAL A 51 -12.01 -20.18 11.25
CA VAL A 51 -12.76 -19.20 12.06
C VAL A 51 -12.03 -17.84 12.06
N ASN A 52 -10.69 -17.86 12.21
CA ASN A 52 -9.90 -16.62 12.14
C ASN A 52 -9.99 -16.00 10.74
N TYR A 53 -9.96 -16.81 9.70
CA TYR A 53 -10.18 -16.30 8.34
C TYR A 53 -11.47 -15.47 8.26
N GLU A 54 -12.58 -16.02 8.77
CA GLU A 54 -13.87 -15.36 8.59
C GLU A 54 -13.89 -14.03 9.37
N LYS A 55 -13.09 -13.90 10.45
CA LYS A 55 -13.03 -12.63 11.20
C LYS A 55 -12.46 -11.48 10.36
N LEU A 56 -11.70 -11.80 9.32
CA LEU A 56 -11.12 -10.78 8.47
C LEU A 56 -12.15 -10.16 7.51
N LYS A 57 -13.28 -10.84 7.28
CA LYS A 57 -14.36 -10.32 6.40
C LYS A 57 -13.74 -9.88 5.06
N THR A 58 -12.85 -10.72 4.53
CA THR A 58 -12.08 -10.42 3.31
C THR A 58 -11.91 -11.72 2.51
N ASP A 59 -12.25 -11.67 1.23
CA ASP A 59 -11.95 -12.78 0.34
C ASP A 59 -10.46 -12.73 0.02
N ILE A 60 -9.75 -13.85 0.22
CA ILE A 60 -8.31 -13.92 -0.05
C ILE A 60 -8.03 -15.03 -1.05
N LYS A 61 -7.40 -14.68 -2.17
CA LYS A 61 -7.04 -15.64 -3.19
C LYS A 61 -5.54 -15.57 -3.43
N VAL A 62 -4.92 -16.73 -3.61
CA VAL A 62 -3.52 -16.78 -3.99
C VAL A 62 -3.41 -16.44 -5.47
N VAL A 63 -2.51 -15.50 -5.79
CA VAL A 63 -2.22 -15.14 -7.18
C VAL A 63 -1.17 -16.13 -7.70
N ASP A 64 -1.48 -16.72 -8.86
CA ASP A 64 -0.62 -17.66 -9.53
C ASP A 64 0.73 -16.96 -9.82
N ARG A 65 1.84 -17.61 -9.44
CA ARG A 65 3.20 -17.17 -9.75
CA ARG A 65 3.16 -17.07 -9.73
C ARG A 65 3.34 -16.80 -11.24
N ASP A 66 2.76 -17.64 -12.11
CA ASP A 66 2.99 -17.62 -13.57
C ASP A 66 2.23 -16.49 -14.29
N SER A 67 1.41 -15.72 -13.58
CA SER A 67 0.37 -14.85 -14.14
C SER A 67 0.93 -13.47 -14.50
N GLU A 68 0.20 -12.75 -15.37
CA GLU A 68 0.54 -11.37 -15.73
C GLU A 68 0.54 -10.47 -14.48
N GLU A 69 -0.48 -10.61 -13.61
CA GLU A 69 -0.55 -9.85 -12.37
C GLU A 69 0.69 -10.05 -11.51
N ALA A 70 1.11 -11.31 -11.34
CA ALA A 70 2.26 -11.61 -10.49
C ALA A 70 3.53 -11.01 -11.09
N GLU A 71 3.65 -11.08 -12.42
CA GLU A 71 4.81 -10.52 -13.12
C GLU A 71 4.91 -9.01 -12.86
N ILE A 72 3.78 -8.33 -12.99
CA ILE A 72 3.71 -6.89 -12.83
C ILE A 72 4.10 -6.53 -11.37
N ILE A 73 3.52 -7.26 -10.40
CA ILE A 73 3.77 -6.96 -9.01
C ILE A 73 5.23 -7.20 -8.66
N ARG A 74 5.80 -8.32 -9.12
CA ARG A 74 7.22 -8.58 -8.85
C ARG A 74 8.10 -7.48 -9.46
N LYS A 75 7.73 -6.98 -10.64
CA LYS A 75 8.50 -5.91 -11.27
C LYS A 75 8.40 -4.61 -10.44
N TYR A 76 7.22 -4.35 -9.90
CA TYR A 76 7.00 -3.15 -9.08
C TYR A 76 7.91 -3.22 -7.84
N VAL A 77 8.00 -4.40 -7.23
CA VAL A 77 8.88 -4.59 -6.05
C VAL A 77 10.36 -4.43 -6.45
N LYS A 78 10.72 -5.01 -7.59
CA LYS A 78 12.11 -5.00 -8.03
C LYS A 78 12.55 -3.57 -8.32
N ASN A 79 11.72 -2.81 -9.02
CA ASN A 79 12.16 -1.58 -9.64
C ASN A 79 12.09 -0.38 -8.68
N THR A 80 11.31 -0.47 -7.61
CA THR A 80 11.03 0.72 -6.79
C THR A 80 11.59 0.61 -5.37
N HIS A 81 12.62 -0.21 -5.19
CA HIS A 81 13.36 -0.22 -3.96
C HIS A 81 14.35 0.95 -3.98
N ALA A 82 14.24 1.86 -3.01
CA ALA A 82 15.03 3.10 -3.00
C ALA A 82 16.49 2.81 -2.72
N THR A 83 17.39 3.59 -3.33
CA THR A 83 18.83 3.43 -3.11
C THR A 83 19.21 3.68 -1.64
N THR A 84 18.50 4.56 -0.94
CA THR A 84 18.88 4.91 0.44
C THR A 84 18.35 3.88 1.46
N HIS A 85 17.49 2.96 1.02
CA HIS A 85 16.92 1.94 1.91
C HIS A 85 17.72 0.64 1.74
N ASN A 86 18.99 0.70 2.12
CA ASN A 86 19.95 -0.32 1.70
C ASN A 86 20.26 -1.30 2.83
N ALA A 87 19.52 -1.22 3.94
CA ALA A 87 19.68 -2.16 5.08
C ALA A 87 19.17 -3.57 4.74
N TYR A 88 18.32 -3.69 3.71
CA TYR A 88 17.71 -4.98 3.34
C TYR A 88 17.38 -4.99 1.84
N ASP A 89 17.27 -6.20 1.29
CA ASP A 89 16.57 -6.41 0.02
C ASP A 89 15.30 -7.21 0.30
N LEU A 90 14.39 -7.18 -0.68
CA LEU A 90 13.04 -7.77 -0.57
C LEU A 90 12.89 -8.93 -1.55
N GLU A 91 12.27 -10.00 -1.06
CA GLU A 91 11.83 -11.14 -1.85
CA GLU A 91 11.83 -11.14 -1.85
C GLU A 91 10.33 -11.35 -1.62
N VAL A 92 9.57 -11.50 -2.70
CA VAL A 92 8.15 -11.75 -2.60
C VAL A 92 7.96 -13.26 -2.33
N ILE A 93 7.31 -13.61 -1.22
CA ILE A 93 7.02 -15.01 -0.88
C ILE A 93 5.69 -15.41 -1.52
N ASP A 94 4.64 -14.65 -1.18
CA ASP A 94 3.28 -14.93 -1.68
C ASP A 94 2.63 -13.60 -2.05
N ILE A 95 1.77 -13.65 -3.08
CA ILE A 95 0.93 -12.54 -3.48
C ILE A 95 -0.52 -13.01 -3.33
N PHE A 96 -1.32 -12.22 -2.61
CA PHE A 96 -2.74 -12.50 -2.46
C PHE A 96 -3.56 -11.36 -3.06
N LYS A 97 -4.65 -11.72 -3.74
CA LYS A 97 -5.63 -10.80 -4.22
C LYS A 97 -6.72 -10.76 -3.17
N ILE A 98 -7.11 -9.55 -2.76
CA ILE A 98 -8.03 -9.41 -1.65
C ILE A 98 -9.25 -8.56 -2.05
N GLU A 99 -10.41 -8.89 -1.44
CA GLU A 99 -11.64 -8.16 -1.60
C GLU A 99 -12.35 -8.10 -0.26
N ARG A 100 -12.25 -6.93 0.40
CA ARG A 100 -12.98 -6.72 1.65
C ARG A 100 -14.49 -6.70 1.40
N GLU A 101 -15.21 -7.33 2.33
CA GLU A 101 -16.67 -7.27 2.31
C GLU A 101 -17.14 -5.81 2.21
N GLY A 102 -18.06 -5.54 1.26
CA GLY A 102 -18.66 -4.24 1.11
C GLY A 102 -17.82 -3.22 0.35
N GLU A 103 -16.60 -3.61 -0.05
CA GLU A 103 -15.67 -2.68 -0.68
C GLU A 103 -16.20 -2.14 -2.02
N CYS A 104 -16.82 -3.01 -2.83
CA CYS A 104 -17.33 -2.63 -4.14
C CYS A 104 -18.28 -1.45 -3.97
N GLN A 105 -19.29 -1.59 -3.10
CA GLN A 105 -20.27 -0.51 -2.90
C GLN A 105 -19.63 0.72 -2.23
N ARG A 106 -18.66 0.56 -1.32
CA ARG A 106 -18.05 1.74 -0.66
C ARG A 106 -17.23 2.55 -1.69
N TYR A 107 -16.54 1.86 -2.58
CA TYR A 107 -15.59 2.52 -3.47
C TYR A 107 -16.35 3.11 -4.67
N LYS A 108 -17.58 2.65 -4.90
CA LYS A 108 -18.33 2.99 -6.09
C LYS A 108 -18.26 4.48 -6.41
N PRO A 109 -18.47 5.42 -5.45
CA PRO A 109 -18.47 6.85 -5.78
C PRO A 109 -17.14 7.41 -6.30
N PHE A 110 -16.06 6.64 -6.19
CA PHE A 110 -14.72 7.06 -6.62
C PHE A 110 -14.17 6.19 -7.77
N LYS A 111 -14.89 5.11 -8.08
CA LYS A 111 -14.45 4.07 -9.02
CA LYS A 111 -14.41 4.08 -9.01
C LYS A 111 -14.22 4.68 -10.41
N GLN A 112 -14.94 5.79 -10.72
CA GLN A 112 -14.82 6.47 -11.99
C GLN A 112 -13.98 7.76 -11.94
N LEU A 113 -13.49 8.18 -10.75
CA LEU A 113 -12.60 9.35 -10.64
C LEU A 113 -11.33 9.06 -11.45
N HIS A 114 -10.75 10.09 -12.06
CA HIS A 114 -9.52 9.95 -12.77
C HIS A 114 -8.35 9.78 -11.80
N ASN A 115 -7.23 9.32 -12.34
CA ASN A 115 -5.97 9.24 -11.62
C ASN A 115 -6.10 8.25 -10.46
N ARG A 116 -6.41 7.03 -10.83
CA ARG A 116 -6.45 5.93 -9.88
C ARG A 116 -5.13 5.18 -10.00
N ARG A 117 -4.42 5.02 -8.88
CA ARG A 117 -3.05 4.51 -8.88
CA ARG A 117 -3.04 4.51 -8.87
C ARG A 117 -2.91 3.36 -7.89
N LEU A 118 -2.06 2.38 -8.24
CA LEU A 118 -1.80 1.20 -7.39
C LEU A 118 -0.57 1.52 -6.55
N LEU A 119 -0.76 1.68 -5.25
CA LEU A 119 0.24 2.22 -4.35
C LEU A 119 0.43 1.31 -3.14
N TRP A 120 1.62 1.43 -2.53
CA TRP A 120 2.04 0.63 -1.40
C TRP A 120 1.55 1.23 -0.08
N HIS A 121 1.24 0.32 0.86
CA HIS A 121 1.03 0.70 2.26
C HIS A 121 1.58 -0.40 3.16
N GLY A 122 2.58 -0.06 3.96
CA GLY A 122 3.11 -1.02 4.93
C GLY A 122 2.66 -0.72 6.34
N SER A 123 2.64 -1.77 7.17
CA SER A 123 2.18 -1.67 8.55
C SER A 123 2.74 -2.86 9.32
N ARG A 124 2.82 -2.75 10.65
CA ARG A 124 3.22 -3.89 11.48
C ARG A 124 2.23 -5.04 11.27
N THR A 125 2.76 -6.27 11.29
CA THR A 125 1.96 -7.46 11.12
C THR A 125 0.78 -7.49 12.11
N THR A 126 1.00 -7.06 13.37
CA THR A 126 -0.02 -7.07 14.42
C THR A 126 -1.21 -6.16 14.08
N ASN A 127 -1.09 -5.28 13.07
CA ASN A 127 -2.18 -4.40 12.69
C ASN A 127 -3.09 -5.02 11.62
N PHE A 128 -2.68 -6.11 10.98
CA PHE A 128 -3.39 -6.56 9.76
C PHE A 128 -4.76 -7.18 10.04
N ALA A 129 -4.99 -7.76 11.21
CA ALA A 129 -6.34 -8.26 11.48
C ALA A 129 -7.35 -7.09 11.45
N GLY A 130 -6.96 -5.98 12.06
CA GLY A 130 -7.80 -4.78 12.04
C GLY A 130 -7.88 -4.13 10.67
N ILE A 131 -6.76 -4.09 9.96
CA ILE A 131 -6.75 -3.45 8.64
C ILE A 131 -7.68 -4.20 7.68
N LEU A 132 -7.64 -5.53 7.68
CA LEU A 132 -8.47 -6.26 6.74
C LEU A 132 -9.94 -6.21 7.18
N SER A 133 -10.21 -6.34 8.49
CA SER A 133 -11.61 -6.33 8.96
C SER A 133 -12.24 -4.93 8.84
N GLN A 134 -11.48 -3.85 9.11
CA GLN A 134 -12.08 -2.50 9.18
CA GLN A 134 -12.08 -2.50 9.18
C GLN A 134 -11.62 -1.61 8.03
N GLY A 135 -10.63 -2.06 7.26
CA GLY A 135 -9.99 -1.26 6.23
C GLY A 135 -8.99 -0.32 6.85
N LEU A 136 -8.21 0.35 6.00
CA LEU A 136 -7.34 1.41 6.47
C LEU A 136 -8.21 2.56 6.99
N ARG A 137 -7.79 3.10 8.12
CA ARG A 137 -8.52 4.14 8.82
C ARG A 137 -7.58 5.29 9.12
N ILE A 138 -8.18 6.46 9.30
CA ILE A 138 -7.45 7.61 9.72
C ILE A 138 -7.21 7.53 11.22
N ALA A 139 -5.99 7.89 11.63
CA ALA A 139 -5.62 7.92 13.02
C ALA A 139 -6.58 8.83 13.78
N PRO A 140 -7.00 8.45 15.00
CA PRO A 140 -7.93 9.27 15.77
C PRO A 140 -7.27 10.49 16.40
N PRO A 141 -8.07 11.44 16.92
CA PRO A 141 -7.55 12.66 17.52
C PRO A 141 -6.48 12.40 18.58
N GLU A 142 -6.62 11.32 19.36
CA GLU A 142 -5.75 11.02 20.50
C GLU A 142 -4.36 10.52 20.05
N ALA A 143 -4.20 10.17 18.77
CA ALA A 143 -2.88 9.71 18.26
C ALA A 143 -1.99 10.92 17.96
N PRO A 144 -0.66 10.84 18.17
CA PRO A 144 0.23 11.93 17.76
C PRO A 144 0.20 12.13 16.25
N VAL A 145 0.37 13.40 15.83
CA VAL A 145 0.44 13.74 14.42
C VAL A 145 1.88 13.59 13.92
N THR A 146 2.78 13.23 14.84
CA THR A 146 4.10 12.86 14.56
C THR A 146 4.13 11.70 13.55
N GLY A 147 4.85 11.98 12.49
CA GLY A 147 5.02 11.07 11.41
C GLY A 147 4.13 11.37 10.22
N TYR A 148 3.17 12.30 10.36
CA TYR A 148 2.19 12.62 9.30
C TYR A 148 2.41 14.03 8.77
N MET A 149 3.20 14.13 7.70
CA MET A 149 3.63 15.46 7.31
C MET A 149 2.49 16.31 6.74
N PHE A 150 1.40 15.68 6.30
CA PHE A 150 0.25 16.39 5.73
C PHE A 150 -1.00 16.19 6.58
N GLY A 151 -0.79 15.86 7.86
CA GLY A 151 -1.86 15.67 8.79
C GLY A 151 -2.42 14.26 8.71
N LYS A 152 -3.34 13.95 9.62
CA LYS A 152 -3.84 12.58 9.69
C LYS A 152 -4.62 12.29 8.41
N GLY A 153 -4.31 11.14 7.82
CA GLY A 153 -4.95 10.66 6.62
C GLY A 153 -4.45 9.26 6.34
N ILE A 154 -4.74 8.77 5.14
CA ILE A 154 -4.24 7.45 4.75
CA ILE A 154 -4.28 7.44 4.71
C ILE A 154 -3.11 7.64 3.75
N TYR A 155 -1.93 7.15 4.13
CA TYR A 155 -0.68 7.40 3.44
C TYR A 155 -0.22 6.19 2.61
N PHE A 156 0.34 6.50 1.44
CA PHE A 156 0.82 5.52 0.49
C PHE A 156 2.13 5.98 -0.13
N ALA A 157 2.91 5.00 -0.62
CA ALA A 157 4.12 5.29 -1.39
C ALA A 157 4.07 4.65 -2.77
N ASP A 158 4.89 5.21 -3.69
CA ASP A 158 5.14 4.57 -4.98
C ASP A 158 6.50 3.86 -5.01
N MET A 159 7.23 3.89 -3.89
CA MET A 159 8.48 3.14 -3.75
C MET A 159 8.28 2.07 -2.68
N VAL A 160 8.38 0.80 -3.09
CA VAL A 160 8.04 -0.30 -2.19
C VAL A 160 8.79 -0.15 -0.85
N SER A 161 10.07 0.24 -0.88
CA SER A 161 10.87 0.25 0.34
C SER A 161 10.42 1.34 1.32
N LYS A 162 9.89 2.45 0.81
CA LYS A 162 9.43 3.51 1.70
C LYS A 162 8.29 2.93 2.55
N SER A 163 7.38 2.19 1.93
CA SER A 163 6.30 1.54 2.68
C SER A 163 6.81 0.36 3.51
N ALA A 164 7.72 -0.45 2.97
CA ALA A 164 8.19 -1.65 3.65
C ALA A 164 8.87 -1.26 4.98
N ASN A 165 9.49 -0.05 5.04
CA ASN A 165 10.08 0.43 6.30
C ASN A 165 9.05 0.44 7.43
N TYR A 166 7.78 0.67 7.08
CA TYR A 166 6.71 0.79 8.09
C TYR A 166 6.24 -0.59 8.61
N CYS A 167 6.77 -1.67 8.06
CA CYS A 167 6.50 -3.03 8.60
C CYS A 167 7.25 -3.26 9.91
N HIS A 168 8.35 -2.50 10.12
CA HIS A 168 9.21 -2.63 11.30
C HIS A 168 9.65 -4.08 11.51
N THR A 169 10.06 -4.72 10.41
CA THR A 169 10.68 -6.01 10.51
C THR A 169 12.12 -5.86 11.04
N SER A 170 12.71 -6.99 11.39
CA SER A 170 14.08 -7.07 11.92
C SER A 170 14.70 -8.40 11.53
N GLN A 171 16.02 -8.54 11.73
CA GLN A 171 16.72 -9.78 11.43
C GLN A 171 16.02 -10.94 12.15
N GLY A 172 15.57 -10.71 13.40
CA GLY A 172 14.95 -11.73 14.24
C GLY A 172 13.51 -12.04 13.85
N ASP A 173 12.91 -11.15 13.07
CA ASP A 173 11.51 -11.19 12.66
C ASP A 173 11.41 -10.64 11.23
N PRO A 174 11.93 -11.37 10.22
CA PRO A 174 12.21 -10.79 8.92
C PRO A 174 11.11 -10.94 7.85
N ILE A 175 9.93 -11.43 8.25
CA ILE A 175 8.81 -11.57 7.32
C ILE A 175 7.81 -10.46 7.64
N GLY A 176 7.37 -9.76 6.60
CA GLY A 176 6.42 -8.67 6.77
C GLY A 176 5.29 -8.76 5.77
N LEU A 177 4.27 -7.91 6.00
CA LEU A 177 3.11 -7.84 5.12
C LEU A 177 2.99 -6.41 4.58
N ILE A 178 2.68 -6.30 3.29
CA ILE A 178 2.50 -5.00 2.65
C ILE A 178 1.28 -5.07 1.75
N LEU A 179 0.55 -3.95 1.66
CA LEU A 179 -0.60 -3.84 0.80
C LEU A 179 -0.30 -3.09 -0.49
N LEU A 180 -1.05 -3.47 -1.53
CA LEU A 180 -1.24 -2.61 -2.71
C LEU A 180 -2.71 -2.22 -2.75
N GLY A 181 -2.94 -0.92 -2.69
CA GLY A 181 -4.26 -0.35 -2.82
C GLY A 181 -4.42 0.40 -4.12
N GLU A 182 -5.63 0.29 -4.69
CA GLU A 182 -6.07 1.21 -5.71
C GLU A 182 -6.55 2.45 -4.98
N VAL A 183 -5.90 3.58 -5.26
CA VAL A 183 -6.21 4.82 -4.58
C VAL A 183 -6.74 5.81 -5.60
N ALA A 184 -7.93 6.35 -5.32
CA ALA A 184 -8.60 7.28 -6.22
C ALA A 184 -8.08 8.69 -5.90
N LEU A 185 -7.04 9.13 -6.61
CA LEU A 185 -6.31 10.34 -6.24
C LEU A 185 -6.96 11.57 -6.89
N GLY A 186 -7.57 11.41 -8.06
CA GLY A 186 -8.13 12.56 -8.74
C GLY A 186 -7.15 13.69 -8.91
N ASN A 187 -7.62 14.92 -8.66
CA ASN A 187 -6.77 16.08 -8.75
C ASN A 187 -5.95 16.19 -7.45
N MET A 188 -4.65 16.10 -7.59
CA MET A 188 -3.72 16.07 -6.48
C MET A 188 -3.28 17.49 -6.12
N TYR A 189 -3.28 17.78 -4.82
CA TYR A 189 -2.71 18.98 -4.23
C TYR A 189 -1.25 18.66 -3.90
N GLU A 190 -0.34 19.19 -4.72
CA GLU A 190 1.05 18.76 -4.71
C GLU A 190 1.86 19.71 -3.84
N LEU A 191 2.46 19.15 -2.78
CA LEU A 191 3.16 19.92 -1.79
C LEU A 191 4.57 19.38 -1.59
N LYS A 192 5.45 20.26 -1.10
CA LYS A 192 6.87 19.93 -0.95
C LYS A 192 7.35 20.05 0.50
N HIS A 193 6.53 20.63 1.40
CA HIS A 193 6.89 20.85 2.80
C HIS A 193 5.69 20.52 3.68
N ALA A 194 5.99 20.13 4.91
CA ALA A 194 4.92 19.72 5.82
C ALA A 194 3.88 20.83 5.96
N SER A 195 2.61 20.43 5.98
CA SER A 195 1.48 21.34 6.09
C SER A 195 0.27 20.51 6.46
N HIS A 196 -0.27 20.74 7.65
CA HIS A 196 -1.41 19.99 8.09
C HIS A 196 -2.67 20.69 7.60
N ILE A 197 -3.04 20.42 6.37
CA ILE A 197 -4.06 21.24 5.73
C ILE A 197 -5.40 21.01 6.45
N SER A 198 -6.13 22.10 6.67
CA SER A 198 -7.43 22.05 7.37
C SER A 198 -8.51 21.41 6.46
N LYS A 199 -8.33 21.52 5.14
CA LYS A 199 -9.33 21.12 4.17
CA LYS A 199 -9.34 21.16 4.15
C LYS A 199 -8.63 21.09 2.80
N LEU A 200 -9.10 20.21 1.90
CA LEU A 200 -8.50 20.23 0.57
C LEU A 200 -9.03 21.46 -0.16
N PRO A 201 -8.22 22.08 -1.04
CA PRO A 201 -8.74 23.12 -1.92
C PRO A 201 -9.88 22.59 -2.80
N LYS A 202 -10.77 23.49 -3.25
CA LYS A 202 -11.88 23.08 -4.09
CA LYS A 202 -11.88 23.14 -4.13
C LYS A 202 -11.34 22.40 -5.35
N GLY A 203 -11.96 21.26 -5.68
CA GLY A 203 -11.64 20.49 -6.86
C GLY A 203 -10.46 19.54 -6.67
N LYS A 204 -9.83 19.55 -5.49
CA LYS A 204 -8.73 18.62 -5.19
C LYS A 204 -9.29 17.43 -4.39
N HIS A 205 -8.69 16.24 -4.60
CA HIS A 205 -9.15 14.98 -4.01
C HIS A 205 -8.10 14.31 -3.12
N SER A 206 -6.86 14.75 -3.18
CA SER A 206 -5.77 14.06 -2.50
C SER A 206 -4.62 15.04 -2.35
N VAL A 207 -3.64 14.67 -1.53
CA VAL A 207 -2.34 15.34 -1.49
C VAL A 207 -1.27 14.40 -2.03
N LYS A 208 -0.35 14.98 -2.82
CA LYS A 208 0.89 14.30 -3.18
C LYS A 208 2.07 15.12 -2.65
N GLY A 209 2.88 14.48 -1.82
CA GLY A 209 4.18 15.01 -1.43
C GLY A 209 5.20 14.69 -2.51
N LEU A 210 5.86 15.72 -3.07
CA LEU A 210 6.77 15.54 -4.19
C LEU A 210 8.18 15.26 -3.70
N GLY A 211 8.68 14.08 -4.03
CA GLY A 211 10.05 13.68 -3.71
C GLY A 211 11.09 14.11 -4.73
N LYS A 212 12.35 14.04 -4.30
CA LYS A 212 13.50 14.20 -5.18
C LYS A 212 13.64 13.06 -6.19
N THR A 213 13.12 11.88 -5.86
CA THR A 213 13.21 10.71 -6.74
C THR A 213 11.78 10.20 -7.00
N THR A 214 11.52 9.79 -8.24
CA THR A 214 10.21 9.29 -8.65
C THR A 214 10.42 8.08 -9.54
N PRO A 215 9.54 7.07 -9.53
CA PRO A 215 9.51 6.10 -10.62
C PRO A 215 9.42 6.84 -11.97
N ASP A 216 10.20 6.39 -12.94
CA ASP A 216 10.22 6.99 -14.25
C ASP A 216 8.81 6.98 -14.83
N PRO A 217 8.16 8.14 -15.06
CA PRO A 217 6.76 8.12 -15.50
C PRO A 217 6.55 7.50 -16.90
N SER A 218 7.61 7.43 -17.72
CA SER A 218 7.52 6.79 -19.02
C SER A 218 7.25 5.29 -18.91
N ALA A 219 7.51 4.68 -17.73
CA ALA A 219 7.38 3.24 -17.57
C ALA A 219 6.04 2.85 -16.92
N ASN A 220 5.17 3.81 -16.63
CA ASN A 220 3.86 3.49 -16.04
C ASN A 220 3.13 2.48 -16.94
N ILE A 221 2.45 1.50 -16.32
CA ILE A 221 1.57 0.61 -17.04
C ILE A 221 0.20 0.62 -16.39
N SER A 222 -0.78 0.06 -17.10
CA SER A 222 -2.14 -0.01 -16.61
C SER A 222 -2.44 -1.47 -16.27
N LEU A 223 -2.93 -1.72 -15.05
CA LEU A 223 -3.40 -3.05 -14.64
C LEU A 223 -4.87 -2.92 -14.27
N ASP A 224 -5.76 -3.49 -15.11
CA ASP A 224 -7.18 -3.47 -14.82
C ASP A 224 -7.66 -2.02 -14.63
N GLY A 225 -7.16 -1.10 -15.44
CA GLY A 225 -7.63 0.31 -15.45
C GLY A 225 -7.00 1.17 -14.35
N VAL A 226 -6.00 0.64 -13.64
CA VAL A 226 -5.32 1.33 -12.55
C VAL A 226 -3.86 1.53 -12.97
N ASP A 227 -3.34 2.74 -12.77
CA ASP A 227 -1.98 3.07 -13.16
C ASP A 227 -1.03 2.45 -12.13
N VAL A 228 0.03 1.81 -12.63
CA VAL A 228 1.07 1.20 -11.83
C VAL A 228 2.40 1.87 -12.12
N PRO A 229 2.95 2.66 -11.17
CA PRO A 229 4.18 3.41 -11.42
C PRO A 229 5.42 2.57 -11.07
N LEU A 230 5.66 1.55 -11.88
CA LEU A 230 6.70 0.57 -11.56
C LEU A 230 8.04 0.88 -12.25
N GLY A 231 8.18 2.07 -12.84
CA GLY A 231 9.46 2.51 -13.37
C GLY A 231 10.57 2.57 -12.32
N THR A 232 11.81 2.32 -12.74
CA THR A 232 12.94 2.53 -11.85
CA THR A 232 12.99 2.55 -11.93
C THR A 232 13.02 4.02 -11.46
N GLY A 233 13.54 4.25 -10.26
CA GLY A 233 13.64 5.59 -9.71
C GLY A 233 14.59 6.48 -10.51
N ILE A 234 14.14 7.69 -10.82
CA ILE A 234 14.94 8.71 -11.47
C ILE A 234 14.81 10.02 -10.69
N SER A 235 15.70 10.96 -10.98
CA SER A 235 15.55 12.30 -10.44
C SER A 235 14.25 12.90 -10.94
N SER A 236 13.45 13.45 -10.03
CA SER A 236 12.20 14.06 -10.38
C SER A 236 12.40 15.47 -10.98
N GLY A 237 13.54 16.09 -10.70
CA GLY A 237 13.77 17.44 -11.04
C GLY A 237 13.08 18.47 -10.16
N VAL A 238 12.46 18.02 -9.07
CA VAL A 238 11.88 18.91 -8.07
C VAL A 238 12.98 19.37 -7.14
N ASN A 239 13.07 20.69 -6.99
CA ASN A 239 13.96 21.32 -6.05
C ASN A 239 13.15 21.93 -4.92
N ASP A 240 13.83 22.24 -3.82
CA ASP A 240 13.18 22.92 -2.67
C ASP A 240 12.06 22.02 -2.13
N THR A 241 12.42 20.77 -1.80
CA THR A 241 11.47 19.80 -1.22
C THR A 241 12.09 19.08 -0.01
N SER A 242 11.21 18.79 0.96
CA SER A 242 11.56 18.09 2.20
C SER A 242 11.60 16.56 2.03
N LEU A 243 11.13 16.05 0.88
CA LEU A 243 10.90 14.61 0.70
C LEU A 243 11.94 14.01 -0.24
N LEU A 244 12.54 12.88 0.17
CA LEU A 244 13.39 12.09 -0.74
C LEU A 244 12.52 11.40 -1.82
N TYR A 245 11.35 10.90 -1.41
CA TYR A 245 10.46 10.08 -2.24
C TYR A 245 9.03 10.60 -2.13
N ASN A 246 8.22 10.31 -3.15
CA ASN A 246 6.85 10.77 -3.15
C ASN A 246 6.07 10.13 -1.99
N GLU A 247 4.95 10.75 -1.63
CA GLU A 247 3.93 10.08 -0.84
C GLU A 247 2.57 10.65 -1.26
N TYR A 248 1.53 9.86 -1.00
CA TYR A 248 0.19 10.15 -1.44
C TYR A 248 -0.73 9.99 -0.25
N ILE A 249 -1.65 10.96 -0.07
CA ILE A 249 -2.52 11.00 1.07
C ILE A 249 -3.96 11.22 0.60
N VAL A 250 -4.88 10.38 1.10
CA VAL A 250 -6.30 10.68 1.00
C VAL A 250 -6.88 10.83 2.40
N TYR A 251 -7.95 11.62 2.49
CA TYR A 251 -8.57 11.97 3.76
C TYR A 251 -9.99 11.40 3.87
N ASP A 252 -10.39 10.55 2.92
CA ASP A 252 -11.68 9.86 2.97
C ASP A 252 -11.39 8.38 2.74
N ILE A 253 -11.74 7.56 3.74
CA ILE A 253 -11.43 6.13 3.71
C ILE A 253 -12.04 5.45 2.47
N ALA A 254 -13.10 6.00 1.89
CA ALA A 254 -13.77 5.43 0.74
C ALA A 254 -12.95 5.55 -0.55
N GLN A 255 -11.87 6.34 -0.55
CA GLN A 255 -11.03 6.51 -1.74
C GLN A 255 -10.00 5.39 -1.89
N VAL A 256 -10.03 4.38 -1.02
CA VAL A 256 -9.09 3.28 -1.08
C VAL A 256 -9.83 1.98 -1.37
N ASN A 257 -9.32 1.23 -2.37
CA ASN A 257 -9.79 -0.12 -2.70
C ASN A 257 -8.59 -1.06 -2.53
N LEU A 258 -8.51 -1.73 -1.37
CA LEU A 258 -7.36 -2.64 -1.17
C LEU A 258 -7.46 -3.81 -2.16
N LYS A 259 -6.36 -4.09 -2.87
CA LYS A 259 -6.38 -5.04 -3.98
C LYS A 259 -5.47 -6.25 -3.76
N TYR A 260 -4.25 -6.02 -3.25
CA TYR A 260 -3.32 -7.13 -3.05
C TYR A 260 -2.66 -7.00 -1.68
N LEU A 261 -2.25 -8.16 -1.16
CA LEU A 261 -1.50 -8.27 0.06
CA LEU A 261 -1.48 -8.25 0.06
C LEU A 261 -0.30 -9.17 -0.25
N LEU A 262 0.92 -8.67 0.01
CA LEU A 262 2.12 -9.42 -0.24
C LEU A 262 2.76 -9.83 1.09
N LYS A 263 3.23 -11.08 1.13
CA LYS A 263 4.13 -11.55 2.18
C LYS A 263 5.56 -11.43 1.66
N LEU A 264 6.36 -10.61 2.36
CA LEU A 264 7.71 -10.28 1.92
C LEU A 264 8.74 -10.84 2.91
N LYS A 265 9.82 -11.38 2.37
CA LYS A 265 11.03 -11.68 3.12
C LYS A 265 11.97 -10.48 3.02
N PHE A 266 12.41 -9.99 4.18
CA PHE A 266 13.42 -8.96 4.31
C PHE A 266 14.76 -9.67 4.54
N ASN A 267 15.69 -9.49 3.61
CA ASN A 267 17.05 -10.05 3.73
C ASN A 267 17.97 -8.91 4.18
N PHE A 268 18.29 -8.91 5.47
CA PHE A 268 19.05 -7.82 6.11
C PHE A 268 20.54 -8.00 5.80
N LYS A 269 21.22 -6.88 5.54
CA LYS A 269 22.64 -6.83 5.17
C LYS A 269 23.44 -6.23 6.33
#